data_7TVP
#
_entry.id   7TVP
#
_cell.length_a   108.939
_cell.length_b   47.421
_cell.length_c   45.402
_cell.angle_alpha   90.000
_cell.angle_beta   97.830
_cell.angle_gamma   90.000
#
_symmetry.space_group_name_H-M   'C 1 2 1'
#
loop_
_entity.id
_entity.type
_entity.pdbx_description
1 polymer 'Viral chitosanase V-Csn E157Q mutant chitotriose complex'
2 branched 2-amino-2-deoxy-beta-D-glucopyranose-(1-4)-2-amino-2-deoxy-beta-D-glucopyranose-(1-4)-2-amino-2-deoxy-beta-D-glucopyranose
3 non-polymer GLYCEROL
4 water water
#
_entity_poly.entity_id   1
_entity_poly.type   'polypeptide(L)'
_entity_poly.pdbx_seq_one_letter_code
;HMSELSEIDSVAGVTIYSVDGEPKSFVYKAGFAIDADGAPNAYAPNNGGTDFTANGGDDQGGDWWGGPVDAEGYPIKQKI
FDPFPGYYVSATAHFNPAYSEDSPYRYIDSNSIPFIVLPGNHSNGAKLGDVALVYNEKTGDNCYAIYGDVGPSSKIGQGS
VRLAQALKIDDNPKAGGTESRIVVTLVFPGSVGKWETPKRWFSHANQLTKAWGGLSRLKTLSDQL
;
_entity_poly.pdbx_strand_id   A
#
loop_
_chem_comp.id
_chem_comp.type
_chem_comp.name
_chem_comp.formula
GCS D-saccharide, beta linking 2-amino-2-deoxy-beta-D-glucopyranose 'C6 H13 N O5'
GOL non-polymer GLYCEROL 'C3 H8 O3'
#
# COMPACT_ATOMS: atom_id res chain seq x y z
N HIS A 1 3.44 27.90 -4.46
CA HIS A 1 3.23 27.83 -5.90
C HIS A 1 2.68 26.52 -6.37
N MET A 2 1.93 26.60 -7.45
CA MET A 2 1.41 25.43 -8.10
C MET A 2 2.56 24.73 -8.83
N SER A 3 2.44 23.42 -9.01
CA SER A 3 3.48 22.67 -9.70
C SER A 3 3.14 22.48 -11.18
N GLU A 4 4.12 22.04 -11.96
CA GLU A 4 3.95 21.78 -13.39
C GLU A 4 3.79 20.26 -13.51
N LEU A 5 2.72 19.84 -14.15
CA LEU A 5 2.33 18.43 -14.18
C LEU A 5 2.28 17.94 -15.62
N SER A 6 2.69 16.69 -15.82
CA SER A 6 2.72 16.09 -17.15
C SER A 6 2.13 14.69 -17.05
N GLU A 7 1.06 14.43 -17.82
CA GLU A 7 0.40 13.14 -17.72
C GLU A 7 1.30 12.00 -18.18
N ILE A 8 1.35 10.94 -17.38
CA ILE A 8 2.11 9.75 -17.73
C ILE A 8 1.27 8.48 -17.78
N ASP A 9 0.05 8.47 -17.23
CA ASP A 9 -0.72 7.25 -17.16
C ASP A 9 -2.14 7.61 -16.76
N SER A 10 -3.04 6.63 -16.90
CA SER A 10 -4.43 6.82 -16.50
C SER A 10 -4.99 5.44 -16.16
N VAL A 11 -5.63 5.33 -14.99
CA VAL A 11 -6.23 4.09 -14.53
C VAL A 11 -7.59 4.42 -13.92
N ALA A 12 -8.64 3.75 -14.40
CA ALA A 12 -9.97 3.87 -13.81
C ALA A 12 -10.43 5.32 -13.68
N GLY A 13 -10.14 6.14 -14.70
CA GLY A 13 -10.53 7.53 -14.67
C GLY A 13 -9.67 8.44 -13.83
N VAL A 14 -8.61 7.93 -13.25
CA VAL A 14 -7.67 8.72 -12.45
C VAL A 14 -6.44 8.99 -13.29
N THR A 15 -6.11 10.27 -13.48
CA THR A 15 -4.92 10.66 -14.20
C THR A 15 -3.70 10.63 -13.28
N ILE A 16 -2.62 10.02 -13.75
CA ILE A 16 -1.34 9.99 -13.02
C ILE A 16 -0.39 10.94 -13.71
N TYR A 17 0.20 11.87 -12.94
CA TYR A 17 1.02 12.93 -13.49
C TYR A 17 2.43 12.81 -12.95
N SER A 18 3.41 12.92 -13.85
CA SER A 18 4.76 13.27 -13.41
C SER A 18 4.76 14.70 -12.92
N VAL A 19 5.41 14.95 -11.79
CA VAL A 19 5.60 16.31 -11.29
C VAL A 19 6.93 16.81 -11.87
N ASP A 20 6.86 17.83 -12.73
CA ASP A 20 8.08 18.33 -13.35
C ASP A 20 9.02 18.86 -12.27
N GLY A 21 10.29 18.54 -12.41
CA GLY A 21 11.31 18.98 -11.50
C GLY A 21 11.99 17.82 -10.81
N GLU A 22 12.76 18.15 -9.77
CA GLU A 22 13.50 17.17 -8.99
C GLU A 22 13.19 17.34 -7.51
N PRO A 23 13.24 16.25 -6.73
CA PRO A 23 13.49 14.87 -7.16
C PRO A 23 12.33 14.34 -8.01
N LYS A 24 12.61 13.28 -8.76
CA LYS A 24 11.58 12.67 -9.60
CA LYS A 24 11.57 12.69 -9.60
C LYS A 24 10.41 12.18 -8.76
N SER A 25 9.20 12.44 -9.23
CA SER A 25 8.00 12.04 -8.51
C SER A 25 6.81 11.98 -9.46
N PHE A 26 5.80 11.21 -9.07
CA PHE A 26 4.51 11.21 -9.73
C PHE A 26 3.38 11.28 -8.70
N VAL A 27 2.21 11.72 -9.14
CA VAL A 27 1.15 12.06 -8.21
C VAL A 27 -0.20 11.69 -8.82
N TYR A 28 -1.15 11.32 -7.95
CA TYR A 28 -2.51 11.04 -8.37
C TYR A 28 -3.47 11.24 -7.21
N LYS A 29 -4.68 11.69 -7.52
CA LYS A 29 -5.74 11.88 -6.54
C LYS A 29 -6.78 10.80 -6.77
N ALA A 30 -7.08 10.02 -5.74
CA ALA A 30 -7.95 8.86 -5.92
C ALA A 30 -8.68 8.59 -4.60
N GLY A 31 -9.58 7.61 -4.64
CA GLY A 31 -10.16 7.05 -3.44
C GLY A 31 -9.14 6.22 -2.71
N PHE A 32 -9.61 5.54 -1.67
CA PHE A 32 -8.69 4.78 -0.81
C PHE A 32 -9.40 3.52 -0.30
N ALA A 33 -9.20 2.41 -1.00
CA ALA A 33 -9.68 1.15 -0.49
C ALA A 33 -8.66 0.57 0.50
N ILE A 34 -9.14 -0.32 1.37
CA ILE A 34 -8.28 -0.94 2.38
C ILE A 34 -7.69 -2.23 1.81
N ASP A 35 -6.37 -2.35 1.92
CA ASP A 35 -5.65 -3.59 1.63
C ASP A 35 -5.14 -4.13 2.96
N ALA A 36 -5.80 -5.16 3.48
CA ALA A 36 -5.38 -5.78 4.72
C ALA A 36 -4.35 -6.89 4.50
N ASP A 37 -3.99 -7.16 3.25
CA ASP A 37 -3.01 -8.21 2.99
C ASP A 37 -1.69 -7.90 3.71
N GLY A 38 -1.04 -8.96 4.21
CA GLY A 38 0.10 -8.81 5.07
C GLY A 38 -0.22 -8.74 6.54
N ALA A 39 -1.43 -8.32 6.92
CA ALA A 39 -1.79 -8.36 8.33
C ALA A 39 -1.95 -9.81 8.76
N PRO A 40 -1.34 -10.22 9.88
CA PRO A 40 -1.42 -11.63 10.28
C PRO A 40 -2.78 -12.04 10.83
N ASN A 41 -3.72 -11.11 11.00
CA ASN A 41 -5.09 -11.45 11.39
C ASN A 41 -6.11 -11.18 10.30
N ALA A 42 -5.67 -10.95 9.06
CA ALA A 42 -6.58 -10.64 7.97
C ALA A 42 -7.48 -11.83 7.62
N TYR A 43 -6.92 -13.04 7.57
CA TYR A 43 -7.62 -14.19 7.01
C TYR A 43 -7.48 -15.39 7.93
N ALA A 44 -8.58 -16.10 8.14
CA ALA A 44 -8.59 -17.31 8.94
C ALA A 44 -9.74 -18.20 8.45
N PRO A 45 -9.75 -19.48 8.83
CA PRO A 45 -10.90 -20.32 8.48
C PRO A 45 -12.20 -19.72 8.98
N ASN A 46 -13.29 -20.02 8.28
CA ASN A 46 -14.63 -19.72 8.75
C ASN A 46 -14.81 -18.24 9.09
N ASN A 47 -14.24 -17.37 8.25
CA ASN A 47 -14.39 -15.93 8.40
C ASN A 47 -13.89 -15.43 9.76
N GLY A 48 -12.86 -16.09 10.29
CA GLY A 48 -12.32 -15.69 11.58
C GLY A 48 -11.43 -14.46 11.55
N GLY A 49 -11.04 -14.00 10.36
CA GLY A 49 -10.12 -12.88 10.22
C GLY A 49 -10.83 -11.53 10.21
N THR A 50 -10.01 -10.47 10.11
CA THR A 50 -10.55 -9.12 10.01
C THR A 50 -11.15 -8.83 8.64
N ASP A 51 -10.76 -9.59 7.61
CA ASP A 51 -11.43 -9.62 6.32
C ASP A 51 -12.24 -10.91 6.20
N PHE A 52 -13.27 -10.87 5.35
CA PHE A 52 -13.95 -12.11 5.00
C PHE A 52 -12.97 -13.03 4.26
N THR A 53 -13.02 -14.31 4.60
CA THR A 53 -12.04 -15.25 4.05
C THR A 53 -12.03 -15.22 2.52
N ALA A 54 -13.20 -15.14 1.90
CA ALA A 54 -13.30 -15.20 0.45
C ALA A 54 -12.66 -14.00 -0.24
N ASN A 55 -12.34 -12.92 0.48
CA ASN A 55 -11.61 -11.82 -0.16
C ASN A 55 -10.20 -12.25 -0.55
N GLY A 56 -9.69 -13.33 0.04
CA GLY A 56 -8.41 -13.87 -0.33
C GLY A 56 -8.47 -14.98 -1.35
N GLY A 57 -9.66 -15.36 -1.78
CA GLY A 57 -9.87 -16.48 -2.68
C GLY A 57 -10.57 -17.63 -1.99
N ASP A 58 -10.37 -18.82 -2.54
CA ASP A 58 -10.95 -20.03 -2.00
C ASP A 58 -9.94 -20.74 -1.12
N ASP A 59 -10.30 -20.99 0.14
CA ASP A 59 -9.39 -21.57 1.11
C ASP A 59 -9.52 -23.08 1.23
N GLN A 60 -10.23 -23.73 0.32
CA GLN A 60 -10.43 -25.17 0.34
C GLN A 60 -9.76 -25.87 -0.84
N GLY A 61 -8.65 -25.33 -1.32
CA GLY A 61 -7.88 -25.95 -2.38
C GLY A 61 -8.02 -25.28 -3.74
N GLY A 62 -8.91 -24.30 -3.87
CA GLY A 62 -9.07 -23.57 -5.11
C GLY A 62 -8.08 -22.43 -5.24
N ASP A 63 -8.46 -21.42 -6.02
CA ASP A 63 -7.57 -20.30 -6.32
C ASP A 63 -7.54 -19.38 -5.10
N TRP A 64 -6.38 -19.33 -4.44
CA TRP A 64 -6.18 -18.56 -3.22
C TRP A 64 -5.05 -17.58 -3.48
N TRP A 65 -5.35 -16.29 -3.44
CA TRP A 65 -4.33 -15.26 -3.66
C TRP A 65 -3.96 -14.53 -2.39
N GLY A 66 -4.61 -14.83 -1.26
CA GLY A 66 -4.36 -14.06 -0.05
C GLY A 66 -2.99 -14.29 0.56
N GLY A 67 -2.33 -15.39 0.21
CA GLY A 67 -1.06 -15.74 0.80
C GLY A 67 -0.56 -17.07 0.26
N PRO A 68 0.54 -17.57 0.82
CA PRO A 68 1.13 -18.82 0.34
C PRO A 68 0.27 -20.03 0.68
N VAL A 69 0.48 -21.10 -0.10
CA VAL A 69 -0.28 -22.33 0.05
C VAL A 69 0.66 -23.51 0.23
N ASP A 70 0.11 -24.59 0.78
CA ASP A 70 0.86 -25.82 0.98
C ASP A 70 0.87 -26.65 -0.32
N ALA A 71 1.44 -27.85 -0.24
CA ALA A 71 1.59 -28.71 -1.42
C ALA A 71 0.26 -29.19 -1.96
N GLU A 72 -0.83 -29.07 -1.20
CA GLU A 72 -2.15 -29.45 -1.66
C GLU A 72 -3.03 -28.25 -1.97
N GLY A 73 -2.47 -27.04 -1.93
CA GLY A 73 -3.18 -25.86 -2.35
C GLY A 73 -3.98 -25.16 -1.29
N TYR A 74 -3.89 -25.61 -0.01
CA TYR A 74 -4.57 -24.94 1.10
C TYR A 74 -3.68 -23.85 1.68
N PRO A 75 -4.27 -22.76 2.20
CA PRO A 75 -3.46 -21.68 2.78
C PRO A 75 -2.59 -22.20 3.92
N ILE A 76 -1.36 -21.68 3.97
CA ILE A 76 -0.47 -21.97 5.10
C ILE A 76 -1.09 -21.39 6.37
N LYS A 77 -1.10 -22.19 7.43
CA LYS A 77 -1.54 -21.71 8.73
C LYS A 77 -0.36 -21.30 9.60
N GLN A 78 -0.56 -20.23 10.36
CA GLN A 78 0.48 -19.69 11.24
C GLN A 78 0.76 -20.65 12.39
N LYS A 79 2.02 -20.67 12.81
CA LYS A 79 2.52 -21.55 13.86
C LYS A 79 2.44 -20.87 15.23
N ILE A 80 2.87 -21.60 16.27
CA ILE A 80 2.82 -21.10 17.63
C ILE A 80 3.76 -19.91 17.85
N PHE A 81 4.75 -19.72 16.97
CA PHE A 81 5.70 -18.60 17.05
C PHE A 81 5.34 -17.48 16.08
N ASP A 82 4.17 -17.53 15.46
CA ASP A 82 3.67 -16.51 14.57
C ASP A 82 2.63 -15.66 15.31
N PRO A 83 2.31 -14.47 14.80
CA PRO A 83 1.43 -13.58 15.60
C PRO A 83 0.05 -14.15 15.90
N PHE A 84 -0.60 -14.83 14.95
CA PHE A 84 -1.95 -15.35 15.12
C PHE A 84 -1.98 -16.82 14.76
N PRO A 85 -1.61 -17.69 15.69
CA PRO A 85 -1.58 -19.13 15.39
C PRO A 85 -2.92 -19.60 14.84
N GLY A 86 -2.86 -20.40 13.78
CA GLY A 86 -4.05 -20.95 13.18
C GLY A 86 -4.72 -20.06 12.16
N TYR A 87 -4.39 -18.77 12.12
CA TYR A 87 -4.85 -17.94 11.02
C TYR A 87 -4.00 -18.24 9.79
N TYR A 88 -4.49 -17.80 8.62
CA TYR A 88 -3.68 -17.98 7.43
C TYR A 88 -2.57 -16.95 7.36
N VAL A 89 -1.48 -17.33 6.68
CA VAL A 89 -0.41 -16.39 6.37
C VAL A 89 -0.84 -15.54 5.18
N SER A 90 -0.99 -14.24 5.39
CA SER A 90 -1.35 -13.33 4.32
CA SER A 90 -1.36 -13.33 4.31
C SER A 90 -0.11 -12.66 3.76
N ALA A 91 -0.05 -12.53 2.44
CA ALA A 91 1.15 -12.04 1.76
C ALA A 91 0.90 -10.70 1.10
N THR A 92 2.00 -9.96 0.93
CA THR A 92 2.08 -8.74 0.13
C THR A 92 3.14 -8.96 -0.95
N ALA A 93 3.05 -8.17 -2.03
CA ALA A 93 4.05 -8.28 -3.08
C ALA A 93 5.43 -7.88 -2.58
N HIS A 94 5.52 -6.84 -1.76
CA HIS A 94 6.78 -6.46 -1.14
C HIS A 94 7.06 -7.39 0.04
N PHE A 95 8.33 -7.73 0.24
CA PHE A 95 8.65 -8.74 1.24
C PHE A 95 10.05 -8.49 1.79
N ASN A 96 10.29 -9.08 2.97
CA ASN A 96 11.58 -9.06 3.64
C ASN A 96 12.24 -10.41 3.42
N PRO A 97 13.35 -10.48 2.66
CA PRO A 97 13.96 -11.78 2.35
C PRO A 97 14.60 -12.47 3.55
N ALA A 98 14.65 -11.82 4.72
CA ALA A 98 15.18 -12.50 5.91
C ALA A 98 14.30 -13.66 6.36
N TYR A 99 13.05 -13.72 5.92
CA TYR A 99 12.11 -14.74 6.36
C TYR A 99 11.64 -15.58 5.19
N SER A 100 11.23 -16.80 5.53
CA SER A 100 10.79 -17.81 4.57
C SER A 100 9.42 -17.47 4.01
N GLU A 101 9.14 -18.07 2.83
CA GLU A 101 7.87 -17.83 2.13
C GLU A 101 6.66 -18.14 3.00
N ASP A 102 6.75 -19.15 3.87
CA ASP A 102 5.62 -19.54 4.69
C ASP A 102 5.47 -18.71 5.97
N SER A 103 6.28 -17.66 6.16
CA SER A 103 6.29 -16.91 7.41
C SER A 103 5.50 -15.61 7.28
N PRO A 104 4.63 -15.29 8.23
CA PRO A 104 4.00 -13.96 8.21
C PRO A 104 5.02 -12.84 8.32
N TYR A 105 6.17 -13.10 8.93
CA TYR A 105 7.18 -12.07 9.11
C TYR A 105 7.87 -11.68 7.81
N ARG A 106 7.70 -12.47 6.76
CA ARG A 106 8.23 -12.10 5.45
C ARG A 106 7.47 -10.94 4.83
N TYR A 107 6.22 -10.74 5.20
CA TYR A 107 5.34 -9.81 4.50
C TYR A 107 5.19 -8.51 5.27
N ILE A 108 4.59 -7.51 4.65
CA ILE A 108 4.45 -6.19 5.25
C ILE A 108 3.15 -6.15 6.04
N ASP A 109 3.25 -5.99 7.36
CA ASP A 109 2.07 -6.06 8.22
C ASP A 109 1.21 -4.82 8.00
N SER A 110 0.11 -4.99 7.28
CA SER A 110 -0.81 -3.88 6.99
C SER A 110 -1.29 -3.18 8.25
N ASN A 111 -1.39 -3.89 9.38
CA ASN A 111 -1.87 -3.27 10.61
C ASN A 111 -0.89 -2.24 11.16
N SER A 112 0.40 -2.38 10.85
CA SER A 112 1.45 -1.60 11.50
C SER A 112 2.25 -0.72 10.57
N ILE A 113 2.25 -1.00 9.27
CA ILE A 113 3.12 -0.31 8.32
C ILE A 113 2.25 0.50 7.37
N PRO A 114 2.48 1.81 7.25
CA PRO A 114 1.78 2.58 6.21
C PRO A 114 2.34 2.18 4.84
N PHE A 115 1.47 1.63 3.99
CA PHE A 115 1.87 1.27 2.64
C PHE A 115 0.77 1.59 1.65
N ILE A 116 1.20 1.88 0.41
CA ILE A 116 0.27 2.08 -0.71
C ILE A 116 0.33 0.88 -1.63
N VAL A 117 -0.77 0.71 -2.37
CA VAL A 117 -0.87 -0.25 -3.46
C VAL A 117 -0.80 0.52 -4.78
N LEU A 118 -0.03 -0.01 -5.72
CA LEU A 118 -0.14 0.48 -7.09
C LEU A 118 -0.75 -0.59 -7.99
N PRO A 119 -1.45 -0.21 -9.06
CA PRO A 119 -2.08 -1.22 -9.92
C PRO A 119 -1.01 -2.01 -10.68
N GLY A 120 -1.25 -3.31 -10.85
CA GLY A 120 -0.37 -4.09 -11.69
C GLY A 120 -0.29 -3.49 -13.08
N ASN A 121 0.92 -3.48 -13.64
CA ASN A 121 1.21 -2.90 -14.96
C ASN A 121 1.14 -1.39 -14.96
N HIS A 122 1.10 -0.74 -13.79
CA HIS A 122 0.97 0.71 -13.69
C HIS A 122 1.86 1.25 -12.58
N SER A 123 3.03 0.64 -12.41
CA SER A 123 3.96 1.11 -11.38
C SER A 123 4.64 2.41 -11.77
N ASN A 124 4.66 2.74 -13.06
CA ASN A 124 5.20 4.00 -13.54
C ASN A 124 6.61 4.26 -13.03
N GLY A 125 7.44 3.22 -13.07
CA GLY A 125 8.83 3.34 -12.69
C GLY A 125 9.12 3.09 -11.24
N ALA A 126 8.10 2.98 -10.38
CA ALA A 126 8.32 2.67 -8.97
C ALA A 126 8.61 1.19 -8.79
N LYS A 127 9.46 0.89 -7.81
CA LYS A 127 9.79 -0.46 -7.44
C LYS A 127 9.37 -0.68 -5.99
N LEU A 128 8.97 -1.90 -5.68
CA LEU A 128 8.48 -2.21 -4.33
C LEU A 128 9.52 -1.80 -3.29
N GLY A 129 9.06 -1.13 -2.25
CA GLY A 129 9.91 -0.54 -1.23
C GLY A 129 10.18 0.94 -1.41
N ASP A 130 9.92 1.48 -2.60
CA ASP A 130 10.04 2.93 -2.81
C ASP A 130 9.08 3.67 -1.89
N VAL A 131 9.41 4.92 -1.57
CA VAL A 131 8.64 5.70 -0.62
C VAL A 131 7.72 6.70 -1.30
N ALA A 132 6.77 7.19 -0.52
CA ALA A 132 5.71 8.08 -0.97
C ALA A 132 5.26 8.96 0.19
N LEU A 133 4.69 10.11 -0.16
CA LEU A 133 3.99 10.98 0.77
C LEU A 133 2.51 10.95 0.41
N VAL A 134 1.66 10.69 1.40
CA VAL A 134 0.22 10.52 1.19
C VAL A 134 -0.52 11.55 2.02
N TYR A 135 -1.51 12.22 1.39
CA TYR A 135 -2.21 13.34 2.00
C TYR A 135 -3.72 13.20 1.81
N ASN A 136 -4.48 13.43 2.86
CA ASN A 136 -5.94 13.42 2.81
C ASN A 136 -6.41 14.88 2.81
N GLU A 137 -6.96 15.33 1.68
CA GLU A 137 -7.36 16.74 1.57
C GLU A 137 -8.57 17.09 2.41
N LYS A 138 -9.33 16.10 2.88
CA LYS A 138 -10.51 16.36 3.70
C LYS A 138 -10.23 16.40 5.19
N THR A 139 -9.16 15.77 5.64
CA THR A 139 -8.83 15.76 7.04
C THR A 139 -7.57 16.56 7.34
N GLY A 140 -6.75 16.83 6.32
CA GLY A 140 -5.49 17.52 6.52
C GLY A 140 -4.37 16.59 7.04
N ASP A 141 -4.62 15.31 7.10
CA ASP A 141 -3.69 14.35 7.61
C ASP A 141 -2.76 13.81 6.54
N ASN A 142 -1.55 13.45 6.93
CA ASN A 142 -0.54 12.95 5.99
C ASN A 142 0.26 11.84 6.63
N CYS A 143 0.95 11.08 5.79
CA CYS A 143 1.83 10.04 6.28
C CYS A 143 2.80 9.65 5.18
N TYR A 144 4.04 9.33 5.55
CA TYR A 144 4.94 8.66 4.63
C TYR A 144 4.58 7.18 4.53
N ALA A 145 4.84 6.60 3.36
CA ALA A 145 4.46 5.21 3.14
C ALA A 145 5.40 4.58 2.13
N ILE A 146 5.39 3.26 2.07
CA ILE A 146 6.11 2.53 1.03
C ILE A 146 5.12 1.95 0.03
N TYR A 147 5.61 1.76 -1.20
CA TYR A 147 4.93 0.94 -2.19
C TYR A 147 5.07 -0.50 -1.74
N GLY A 148 3.99 -1.07 -1.21
CA GLY A 148 4.09 -2.35 -0.52
C GLY A 148 3.31 -3.50 -1.12
N ASP A 149 2.38 -3.22 -2.03
CA ASP A 149 1.57 -4.29 -2.60
C ASP A 149 1.11 -3.87 -3.99
N VAL A 150 0.67 -4.86 -4.76
CA VAL A 150 0.24 -4.69 -6.15
C VAL A 150 -1.22 -5.08 -6.24
N GLY A 151 -2.02 -4.22 -6.89
CA GLY A 151 -3.44 -4.47 -7.01
C GLY A 151 -3.86 -4.80 -8.43
N PRO A 152 -5.17 -4.94 -8.65
CA PRO A 152 -5.65 -5.19 -10.01
C PRO A 152 -5.25 -4.04 -10.95
N SER A 153 -5.00 -4.39 -12.21
CA SER A 153 -4.55 -3.41 -13.18
C SER A 153 -5.63 -2.38 -13.51
N SER A 154 -6.89 -2.66 -13.18
CA SER A 154 -8.01 -1.81 -13.54
C SER A 154 -8.49 -0.95 -12.38
N LYS A 155 -7.80 -0.95 -11.24
CA LYS A 155 -8.21 -0.22 -10.05
CA LYS A 155 -8.22 -0.19 -10.07
C LYS A 155 -7.05 0.59 -9.53
N ILE A 156 -7.35 1.74 -8.93
CA ILE A 156 -6.29 2.56 -8.33
C ILE A 156 -6.84 3.25 -7.08
N GLY A 157 -5.97 3.37 -6.06
CA GLY A 157 -6.28 4.09 -4.85
C GLY A 157 -6.59 3.13 -3.72
N GLN A 158 -5.54 2.68 -3.02
CA GLN A 158 -5.68 1.65 -2.02
C GLN A 158 -4.41 1.61 -1.19
N GLY A 159 -4.57 1.28 0.10
CA GLY A 159 -3.43 1.24 0.98
C GLY A 159 -3.75 0.49 2.25
N SER A 160 -2.79 0.50 3.17
CA SER A 160 -2.84 -0.39 4.32
C SER A 160 -3.78 0.13 5.41
N VAL A 161 -4.09 -0.78 6.34
CA VAL A 161 -4.90 -0.45 7.51
C VAL A 161 -4.27 0.70 8.29
N ARG A 162 -2.96 0.62 8.54
CA ARG A 162 -2.28 1.68 9.28
C ARG A 162 -2.27 2.99 8.51
N LEU A 163 -2.09 2.94 7.18
CA LEU A 163 -2.14 4.19 6.42
C LEU A 163 -3.52 4.82 6.53
N ALA A 164 -4.59 4.01 6.47
CA ALA A 164 -5.94 4.54 6.69
C ALA A 164 -6.05 5.24 8.04
N GLN A 165 -5.54 4.60 9.10
CA GLN A 165 -5.58 5.23 10.41
C GLN A 165 -4.88 6.58 10.40
N ALA A 166 -3.68 6.63 9.82
CA ALA A 166 -2.91 7.88 9.77
C ALA A 166 -3.63 8.97 8.99
N LEU A 167 -4.43 8.60 7.99
CA LEU A 167 -5.16 9.56 7.17
C LEU A 167 -6.54 9.90 7.72
N LYS A 168 -6.96 9.24 8.79
CA LYS A 168 -8.31 9.35 9.34
C LYS A 168 -9.37 8.93 8.33
N ILE A 169 -9.13 7.76 7.73
CA ILE A 169 -10.10 7.05 6.90
C ILE A 169 -10.44 5.77 7.62
N ASP A 170 -11.73 5.40 7.62
CA ASP A 170 -12.17 4.17 8.26
C ASP A 170 -11.28 3.01 7.82
N ASP A 171 -10.69 2.32 8.79
CA ASP A 171 -9.64 1.33 8.52
C ASP A 171 -10.15 -0.10 8.49
N ASN A 172 -11.46 -0.30 8.62
CA ASN A 172 -12.04 -1.64 8.67
C ASN A 172 -11.91 -2.32 7.31
N PRO A 173 -11.30 -3.51 7.23
CA PRO A 173 -11.18 -4.18 5.93
C PRO A 173 -12.51 -4.57 5.30
N LYS A 174 -13.60 -4.64 6.08
CA LYS A 174 -14.88 -5.11 5.55
C LYS A 174 -15.79 -3.99 5.08
N ALA A 175 -15.71 -2.83 5.70
CA ALA A 175 -16.62 -1.74 5.37
C ALA A 175 -15.93 -0.38 5.36
N GLY A 176 -14.61 -0.35 5.49
CA GLY A 176 -13.87 0.89 5.56
C GLY A 176 -13.47 1.41 4.20
N GLY A 177 -12.49 2.30 4.21
CA GLY A 177 -12.07 2.94 2.99
C GLY A 177 -13.06 3.99 2.54
N THR A 178 -12.76 4.60 1.40
CA THR A 178 -13.67 5.58 0.83
C THR A 178 -13.58 5.54 -0.69
N GLU A 179 -14.73 5.78 -1.34
CA GLU A 179 -14.77 5.94 -2.78
C GLU A 179 -14.53 7.39 -3.19
N SER A 180 -14.64 8.32 -2.26
CA SER A 180 -14.41 9.73 -2.57
C SER A 180 -12.94 9.95 -2.90
N ARG A 181 -12.67 10.74 -3.95
CA ARG A 181 -11.30 10.92 -4.41
C ARG A 181 -10.66 12.04 -3.60
N ILE A 182 -10.26 11.69 -2.39
CA ILE A 182 -9.78 12.66 -1.41
C ILE A 182 -8.32 12.45 -1.03
N VAL A 183 -7.68 11.40 -1.53
CA VAL A 183 -6.31 11.05 -1.14
C VAL A 183 -5.38 11.39 -2.28
N VAL A 184 -4.36 12.18 -1.98
CA VAL A 184 -3.33 12.55 -2.94
C VAL A 184 -2.07 11.77 -2.58
N THR A 185 -1.58 10.97 -3.52
CA THR A 185 -0.40 10.13 -3.32
C THR A 185 0.73 10.63 -4.21
N LEU A 186 1.85 11.00 -3.58
CA LEU A 186 3.06 11.46 -4.27
C LEU A 186 4.10 10.36 -4.11
N VAL A 187 4.44 9.70 -5.21
CA VAL A 187 5.38 8.58 -5.20
C VAL A 187 6.74 9.06 -5.68
N PHE A 188 7.81 8.61 -4.99
CA PHE A 188 9.18 8.88 -5.41
C PHE A 188 9.77 7.64 -6.07
N PRO A 189 9.60 7.44 -7.38
CA PRO A 189 10.13 6.22 -8.00
C PRO A 189 11.64 6.22 -7.99
N GLY A 190 12.23 5.05 -7.77
CA GLY A 190 13.67 4.94 -7.72
C GLY A 190 14.27 5.32 -6.39
N SER A 191 13.44 5.55 -5.37
CA SER A 191 13.94 6.09 -4.10
C SER A 191 14.58 5.04 -3.20
N VAL A 192 14.12 3.78 -3.23
CA VAL A 192 14.63 2.75 -2.32
C VAL A 192 14.78 1.42 -3.05
N GLY A 193 13.67 0.87 -3.52
CA GLY A 193 13.72 -0.31 -4.35
C GLY A 193 14.21 -1.57 -3.68
N LYS A 194 14.05 -1.67 -2.36
CA LYS A 194 14.43 -2.87 -1.61
C LYS A 194 13.71 -2.80 -0.27
N TRP A 195 13.74 -3.91 0.46
CA TRP A 195 13.29 -3.92 1.84
C TRP A 195 14.34 -3.26 2.75
N GLU A 196 13.86 -2.41 3.66
CA GLU A 196 14.70 -1.90 4.72
C GLU A 196 13.82 -1.58 5.92
N THR A 197 14.44 -1.32 7.07
CA THR A 197 13.65 -1.08 8.27
C THR A 197 12.75 0.13 8.06
N PRO A 198 11.56 0.13 8.68
CA PRO A 198 10.71 1.32 8.59
C PRO A 198 11.39 2.60 9.03
N LYS A 199 12.19 2.58 10.10
CA LYS A 199 12.89 3.79 10.50
C LYS A 199 13.71 4.35 9.35
N ARG A 200 14.42 3.48 8.63
CA ARG A 200 15.26 3.93 7.52
C ARG A 200 14.46 4.48 6.36
N TRP A 201 13.42 3.75 5.89
CA TRP A 201 12.70 4.29 4.74
C TRP A 201 11.89 5.52 5.11
N PHE A 202 11.41 5.60 6.35
CA PHE A 202 10.67 6.79 6.77
C PHE A 202 11.59 8.00 6.78
N SER A 203 12.82 7.85 7.28
CA SER A 203 13.79 8.94 7.22
C SER A 203 14.09 9.34 5.78
N HIS A 204 14.22 8.37 4.88
CA HIS A 204 14.46 8.69 3.48
C HIS A 204 13.28 9.43 2.85
N ALA A 205 12.05 9.00 3.15
CA ALA A 205 10.87 9.72 2.68
C ALA A 205 10.87 11.15 3.20
N ASN A 206 11.28 11.35 4.45
CA ASN A 206 11.34 12.68 5.02
C ASN A 206 12.37 13.55 4.30
N GLN A 207 13.53 12.97 3.97
CA GLN A 207 14.57 13.73 3.29
CA GLN A 207 14.58 13.69 3.27
C GLN A 207 14.13 14.11 1.87
N LEU A 208 13.52 13.17 1.13
CA LEU A 208 13.04 13.49 -0.21
C LEU A 208 11.92 14.53 -0.17
N THR A 209 11.02 14.41 0.80
CA THR A 209 9.93 15.35 0.91
C THR A 209 10.43 16.77 1.19
N LYS A 210 11.39 16.90 2.11
CA LYS A 210 12.02 18.20 2.34
C LYS A 210 12.62 18.76 1.06
N ALA A 211 13.39 17.94 0.35
CA ALA A 211 14.04 18.41 -0.88
C ALA A 211 13.02 18.82 -1.93
N TRP A 212 11.88 18.13 -1.96
CA TRP A 212 10.85 18.37 -2.96
C TRP A 212 10.02 19.61 -2.66
N GLY A 213 10.03 20.10 -1.42
CA GLY A 213 9.29 21.28 -1.05
C GLY A 213 8.26 21.08 0.04
N GLY A 214 8.14 19.88 0.59
CA GLY A 214 7.33 19.67 1.77
C GLY A 214 5.85 19.55 1.49
N LEU A 215 5.13 19.27 2.57
CA LEU A 215 3.68 19.15 2.52
C LEU A 215 3.03 20.41 1.96
N SER A 216 3.58 21.59 2.27
CA SER A 216 2.97 22.82 1.75
C SER A 216 2.85 22.79 0.24
N ARG A 217 3.88 22.29 -0.44
CA ARG A 217 3.81 22.19 -1.90
C ARG A 217 2.78 21.17 -2.34
N LEU A 218 2.69 20.02 -1.67
CA LEU A 218 1.73 19.01 -2.08
C LEU A 218 0.30 19.49 -1.85
N LYS A 219 0.09 20.30 -0.81
CA LYS A 219 -1.25 20.81 -0.51
C LYS A 219 -1.72 21.74 -1.62
N THR A 220 -0.84 22.64 -2.09
CA THR A 220 -1.17 23.49 -3.22
C THR A 220 -1.37 22.67 -4.48
N LEU A 221 -0.52 21.66 -4.70
CA LEU A 221 -0.64 20.84 -5.89
C LEU A 221 -1.96 20.09 -5.92
N SER A 222 -2.42 19.66 -4.74
CA SER A 222 -3.65 18.87 -4.66
C SER A 222 -4.85 19.62 -5.24
N ASP A 223 -4.83 20.95 -5.17
CA ASP A 223 -5.94 21.72 -5.70
C ASP A 223 -6.01 21.68 -7.22
N GLN A 224 -4.92 21.31 -7.90
CA GLN A 224 -4.88 21.17 -9.35
C GLN A 224 -5.43 19.84 -9.83
N LEU A 225 -5.61 18.87 -8.94
CA LEU A 225 -5.94 17.50 -9.32
C LEU A 225 -7.41 17.18 -9.11
C1 GCS B . -7.08 -7.80 -4.97
C2 GCS B . -6.81 -9.23 -4.54
C3 GCS B . -5.37 -9.57 -4.68
C4 GCS B . -4.42 -8.50 -4.24
C5 GCS B . -5.12 -7.36 -3.51
C6 GCS B . -4.16 -6.28 -3.09
N2 GCS B . -7.31 -9.48 -3.14
O1 GCS B . -6.86 -7.77 -6.31
O3 GCS B . -5.10 -9.87 -6.09
O4 GCS B . -3.51 -9.14 -3.33
O5 GCS B . -6.17 -6.77 -4.34
O6 GCS B . -4.91 -5.24 -2.54
C1 GCS B . -2.14 -9.06 -3.78
C2 GCS B . -1.29 -9.87 -2.82
C3 GCS B . 0.15 -9.95 -3.23
C4 GCS B . 0.32 -10.31 -4.68
C5 GCS B . -0.56 -9.44 -5.59
C6 GCS B . -0.43 -9.87 -7.02
N2 GCS B . -1.42 -9.28 -1.45
O3 GCS B . 0.79 -10.96 -2.40
O4 GCS B . 1.68 -10.09 -5.10
O5 GCS B . -1.97 -9.51 -5.20
O6 GCS B . 0.77 -9.38 -7.54
C1 GCS B . 2.41 -11.33 -5.13
C2 GCS B . 3.54 -11.25 -6.14
C3 GCS B . 4.40 -12.47 -6.11
C4 GCS B . 4.92 -12.80 -4.74
C5 GCS B . 3.82 -12.82 -3.68
C6 GCS B . 4.42 -12.86 -2.31
N2 GCS B . 2.98 -11.05 -7.52
O3 GCS B . 5.54 -12.22 -6.97
O4 GCS B . 5.55 -14.09 -4.76
O5 GCS B . 2.92 -11.64 -3.75
O6 GCS B . 5.38 -11.85 -2.10
C1 GOL C . 3.19 10.48 12.17
O1 GOL C . 4.58 10.48 12.08
C2 GOL C . 2.63 10.69 10.74
O2 GOL C . 1.31 10.25 10.60
C3 GOL C . 2.80 12.20 10.43
O3 GOL C . 1.53 12.76 10.28
C1 GOL D . 12.34 -22.37 3.76
O1 GOL D . 12.44 -22.26 5.16
C2 GOL D . 12.54 -20.95 3.17
O2 GOL D . 13.86 -20.51 3.20
C3 GOL D . 11.87 -20.91 1.77
O3 GOL D . 11.52 -19.56 1.53
#